data_6SQB
#
_entry.id   6SQB
#
_cell.length_a   97.829
_cell.length_b   97.829
_cell.length_c   140.590
_cell.angle_alpha   90.000
_cell.angle_beta   90.000
_cell.angle_gamma   120.000
#
_symmetry.space_group_name_H-M   'P 62 2 2'
#
loop_
_entity.id
_entity.type
_entity.pdbx_description
1 polymer 'Enoyl-[acyl-carrier-protein] reductase [NADH]'
2 non-polymer NICOTINAMIDE-ADENINE-DINUCLEOTIDE
3 non-polymer '3-(3-chlorophenyl)propanoic acid'
4 non-polymer '4-(2-HYDROXYETHYL)-1-PIPERAZINE ETHANESULFONIC ACID'
5 water water
#
_entity_poly.entity_id   1
_entity_poly.type   'polypeptide(L)'
_entity_poly.pdbx_seq_one_letter_code
;SMTGLLDGKRILVSGIITDSSIAFHIARVAQEQGAQLVLTGFDRLRLIQRITDRLPAKAPLLELDVQNEEHLASLAGRVT
EAIGAGNKLDGVVHSIGFMPQTGMGINPFFDAPYADVSKGIHISAYSYASMAKALLPIMNPGGSIVGMDFDPSRAMPAYN
WMTVAKSALESVNRFVAREAGKYGVRSNLVAAGPIRTLAMSAIVGGALGEEAGAQIQLLEEGWDQRAPIGWNMKDATPVA
KTVCALLSDWLPATTGDIIYADGGAHTQLL
;
_entity_poly.pdbx_strand_id   A
#
loop_
_chem_comp.id
_chem_comp.type
_chem_comp.name
_chem_comp.formula
EPE non-polymer '4-(2-HYDROXYETHYL)-1-PIPERAZINE ETHANESULFONIC ACID' 'C8 H18 N2 O4 S'
LSQ non-polymer '3-(3-chlorophenyl)propanoic acid' 'C9 H9 Cl O2'
NAD non-polymer NICOTINAMIDE-ADENINE-DINUCLEOTIDE 'C21 H27 N7 O14 P2'
#
# COMPACT_ATOMS: atom_id res chain seq x y z
N GLY A 4 -4.37 -7.93 -22.27
CA GLY A 4 -4.08 -7.26 -21.02
C GLY A 4 -4.25 -8.16 -19.81
N LEU A 5 -3.29 -8.09 -18.88
CA LEU A 5 -3.31 -8.96 -17.70
C LEU A 5 -4.58 -8.76 -16.87
N LEU A 6 -5.13 -7.56 -16.85
CA LEU A 6 -6.27 -7.22 -16.00
C LEU A 6 -7.47 -6.78 -16.83
N ASP A 7 -7.56 -7.28 -18.07
CA ASP A 7 -8.58 -6.84 -19.00
C ASP A 7 -9.97 -7.06 -18.43
N GLY A 8 -10.78 -6.00 -18.42
CA GLY A 8 -12.14 -6.07 -17.93
C GLY A 8 -12.30 -6.03 -16.43
N LYS A 9 -11.23 -5.97 -15.65
CA LYS A 9 -11.35 -5.96 -14.21
C LYS A 9 -11.59 -4.55 -13.70
N ARG A 10 -12.42 -4.43 -12.66
CA ARG A 10 -12.71 -3.17 -11.99
C ARG A 10 -11.98 -3.16 -10.65
N ILE A 11 -11.06 -2.19 -10.49
CA ILE A 11 -10.12 -2.21 -9.37
C ILE A 11 -10.10 -0.83 -8.70
N LEU A 12 -10.26 -0.82 -7.38
CA LEU A 12 -10.12 0.39 -6.58
C LEU A 12 -8.68 0.55 -6.11
N VAL A 13 -8.11 1.74 -6.30
CA VAL A 13 -6.73 2.00 -5.89
C VAL A 13 -6.70 3.21 -4.97
N SER A 14 -6.28 2.99 -3.72
CA SER A 14 -6.07 4.04 -2.75
C SER A 14 -4.60 4.44 -2.72
N GLY A 15 -4.32 5.60 -2.12
CA GLY A 15 -2.96 5.92 -1.73
C GLY A 15 -2.16 6.82 -2.66
N ILE A 16 -2.77 7.40 -3.69
CA ILE A 16 -2.02 8.34 -4.52
C ILE A 16 -1.99 9.70 -3.83
N ILE A 17 -0.80 10.28 -3.70
CA ILE A 17 -0.71 11.66 -3.22
C ILE A 17 0.25 12.48 -4.10
N THR A 18 1.29 11.85 -4.65
CA THR A 18 2.15 12.52 -5.64
C THR A 18 2.41 11.56 -6.79
N ASP A 19 3.13 12.06 -7.81
CA ASP A 19 3.47 11.18 -8.93
C ASP A 19 4.59 10.20 -8.58
N SER A 20 5.15 10.25 -7.38
CA SER A 20 6.10 9.24 -6.96
C SER A 20 5.48 8.24 -5.98
N SER A 21 4.20 8.38 -5.66
CA SER A 21 3.51 7.39 -4.84
C SER A 21 3.57 6.03 -5.49
N ILE A 22 3.80 4.99 -4.68
CA ILE A 22 3.75 3.63 -5.22
C ILE A 22 2.41 3.38 -5.88
N ALA A 23 1.32 3.89 -5.28
CA ALA A 23 -0.02 3.68 -5.85
C ALA A 23 -0.19 4.36 -7.20
N PHE A 24 0.55 5.44 -7.47
CA PHE A 24 0.46 6.04 -8.80
C PHE A 24 0.95 5.06 -9.85
N HIS A 25 2.04 4.35 -9.56
CA HIS A 25 2.58 3.40 -10.52
C HIS A 25 1.76 2.12 -10.59
N ILE A 26 1.18 1.68 -9.47
CA ILE A 26 0.21 0.59 -9.51
C ILE A 26 -0.95 0.94 -10.44
N ALA A 27 -1.49 2.15 -10.30
CA ALA A 27 -2.61 2.57 -11.13
C ALA A 27 -2.22 2.64 -12.60
N ARG A 28 -1.04 3.18 -12.90
CA ARG A 28 -0.61 3.28 -14.30
C ARG A 28 -0.47 1.91 -14.94
N VAL A 29 0.20 0.99 -14.26
CA VAL A 29 0.41 -0.35 -14.82
C VAL A 29 -0.91 -1.09 -14.95
N ALA A 30 -1.80 -0.95 -13.96
CA ALA A 30 -3.10 -1.63 -14.05
C ALA A 30 -3.89 -1.14 -15.27
N GLN A 31 -3.84 0.17 -15.54
CA GLN A 31 -4.54 0.70 -16.71
C GLN A 31 -3.88 0.26 -18.00
N GLU A 32 -2.54 0.19 -18.02
CA GLU A 32 -1.84 -0.35 -19.19
C GLU A 32 -2.30 -1.76 -19.49
N GLN A 33 -2.70 -2.51 -18.46
CA GLN A 33 -3.09 -3.91 -18.58
C GLN A 33 -4.60 -4.09 -18.66
N GLY A 34 -5.34 -3.03 -18.95
CA GLY A 34 -6.75 -3.15 -19.27
C GLY A 34 -7.73 -2.98 -18.12
N ALA A 35 -7.26 -2.67 -16.92
CA ALA A 35 -8.16 -2.50 -15.77
C ALA A 35 -8.88 -1.15 -15.86
N GLN A 36 -10.11 -1.15 -15.34
CA GLN A 36 -10.89 0.07 -15.17
C GLN A 36 -10.83 0.46 -13.70
N LEU A 37 -10.39 1.68 -13.40
CA LEU A 37 -10.04 2.03 -12.03
C LEU A 37 -11.06 2.97 -11.40
N VAL A 38 -11.19 2.84 -10.08
CA VAL A 38 -11.76 3.84 -9.20
C VAL A 38 -10.66 4.22 -8.22
N LEU A 39 -10.41 5.51 -8.06
CA LEU A 39 -9.34 5.98 -7.19
C LEU A 39 -9.93 6.56 -5.91
N THR A 40 -9.20 6.42 -4.80
CA THR A 40 -9.57 7.10 -3.57
C THR A 40 -8.40 7.94 -3.09
N GLY A 41 -8.70 9.10 -2.51
CA GLY A 41 -7.66 10.02 -2.08
C GLY A 41 -8.01 10.64 -0.75
N PHE A 42 -6.97 11.04 -0.02
CA PHE A 42 -7.10 11.59 1.32
C PHE A 42 -6.78 13.08 1.33
N ASP A 43 -7.74 13.89 1.77
CA ASP A 43 -7.59 15.29 2.13
C ASP A 43 -7.39 16.24 0.95
N ARG A 44 -6.27 16.13 0.23
CA ARG A 44 -5.93 17.11 -0.80
C ARG A 44 -6.43 16.63 -2.16
N LEU A 45 -7.75 16.67 -2.31
CA LEU A 45 -8.38 16.04 -3.48
C LEU A 45 -8.11 16.83 -4.76
N ARG A 46 -8.00 18.16 -4.67
CA ARG A 46 -7.66 18.93 -5.87
C ARG A 46 -6.28 18.58 -6.38
N LEU A 47 -5.32 18.44 -5.46
CA LEU A 47 -3.97 18.01 -5.84
C LEU A 47 -4.00 16.62 -6.46
N ILE A 48 -4.72 15.70 -5.83
CA ILE A 48 -4.73 14.32 -6.31
C ILE A 48 -5.38 14.23 -7.68
N GLN A 49 -6.44 15.00 -7.91
CA GLN A 49 -7.06 15.01 -9.24
C GLN A 49 -6.07 15.48 -10.29
N ARG A 50 -5.30 16.53 -9.98
CA ARG A 50 -4.32 17.05 -10.93
C ARG A 50 -3.22 16.01 -11.22
N ILE A 51 -2.78 15.31 -10.16
CA ILE A 51 -1.77 14.25 -10.32
C ILE A 51 -2.31 13.13 -11.22
N THR A 52 -3.52 12.65 -10.93
CA THR A 52 -4.04 11.50 -11.65
C THR A 52 -4.56 11.85 -13.04
N ASP A 53 -4.67 13.13 -13.39
CA ASP A 53 -4.90 13.49 -14.79
C ASP A 53 -3.80 12.99 -15.71
N ARG A 54 -2.63 12.67 -15.17
CA ARG A 54 -1.51 12.17 -15.95
C ARG A 54 -1.52 10.64 -16.12
N LEU A 55 -2.47 9.94 -15.52
CA LEU A 55 -2.61 8.51 -15.76
C LEU A 55 -3.07 8.25 -17.19
N PRO A 56 -2.79 7.07 -17.74
CA PRO A 56 -3.18 6.80 -19.13
C PRO A 56 -4.68 6.94 -19.40
N ALA A 57 -5.53 6.77 -18.39
CA ALA A 57 -6.97 6.91 -18.58
C ALA A 57 -7.58 7.67 -17.41
N LYS A 58 -8.63 8.44 -17.71
CA LYS A 58 -9.39 9.13 -16.67
C LYS A 58 -10.06 8.12 -15.74
N ALA A 59 -10.06 8.42 -14.45
CA ALA A 59 -10.67 7.54 -13.47
C ALA A 59 -11.42 8.37 -12.44
N PRO A 60 -12.58 7.92 -11.98
CA PRO A 60 -13.28 8.67 -10.92
C PRO A 60 -12.46 8.67 -9.63
N LEU A 61 -12.49 9.79 -8.93
CA LEU A 61 -11.75 9.98 -7.69
C LEU A 61 -12.74 10.20 -6.55
N LEU A 62 -12.67 9.34 -5.53
CA LEU A 62 -13.52 9.40 -4.35
C LEU A 62 -12.70 9.78 -3.12
N GLU A 63 -13.31 10.55 -2.23
CA GLU A 63 -12.63 10.93 -1.00
C GLU A 63 -12.71 9.80 0.01
N LEU A 64 -11.58 9.48 0.65
CA LEU A 64 -11.55 8.47 1.70
C LEU A 64 -10.44 8.79 2.69
N ASP A 65 -10.85 9.25 3.88
CA ASP A 65 -10.00 9.31 5.06
C ASP A 65 -10.32 8.06 5.88
N VAL A 66 -9.34 7.15 6.00
CA VAL A 66 -9.65 5.86 6.63
C VAL A 66 -9.92 5.98 8.12
N GLN A 67 -9.66 7.13 8.74
CA GLN A 67 -10.07 7.37 10.12
C GLN A 67 -11.49 7.91 10.24
N ASN A 68 -12.17 8.17 9.11
CA ASN A 68 -13.50 8.76 9.12
C ASN A 68 -14.54 7.65 8.90
N GLU A 69 -15.31 7.33 9.95
CA GLU A 69 -16.28 6.25 9.81
C GLU A 69 -17.40 6.60 8.84
N GLU A 70 -17.69 7.88 8.63
CA GLU A 70 -18.70 8.25 7.66
C GLU A 70 -18.21 8.01 6.23
N HIS A 71 -16.94 8.33 5.96
CA HIS A 71 -16.35 7.99 4.67
C HIS A 71 -16.42 6.49 4.41
N LEU A 72 -16.13 5.69 5.44
CA LEU A 72 -16.12 4.24 5.26
C LEU A 72 -17.53 3.68 5.12
N ALA A 73 -18.49 4.23 5.87
CA ALA A 73 -19.86 3.76 5.79
C ALA A 73 -20.48 4.03 4.44
N SER A 74 -20.06 5.10 3.76
CA SER A 74 -20.64 5.47 2.47
C SER A 74 -19.85 4.94 1.29
N LEU A 75 -18.67 4.36 1.52
CA LEU A 75 -17.72 4.09 0.43
C LEU A 75 -18.31 3.15 -0.61
N ALA A 76 -18.87 2.01 -0.17
CA ALA A 76 -19.40 1.04 -1.11
C ALA A 76 -20.47 1.66 -2.02
N GLY A 77 -21.35 2.48 -1.46
CA GLY A 77 -22.37 3.12 -2.28
C GLY A 77 -21.78 4.08 -3.29
N ARG A 78 -20.75 4.82 -2.88
CA ARG A 78 -20.11 5.76 -3.80
C ARG A 78 -19.34 5.03 -4.90
N VAL A 79 -18.72 3.89 -4.58
CA VAL A 79 -18.07 3.08 -5.61
C VAL A 79 -19.09 2.55 -6.60
N THR A 80 -20.20 2.00 -6.09
CA THR A 80 -21.24 1.46 -6.98
C THR A 80 -21.79 2.53 -7.91
N GLU A 81 -21.99 3.74 -7.39
CA GLU A 81 -22.40 4.85 -8.25
C GLU A 81 -21.36 5.12 -9.33
N ALA A 82 -20.08 4.94 -9.02
CA ALA A 82 -19.02 5.26 -9.97
C ALA A 82 -18.87 4.20 -11.06
N ILE A 83 -19.08 2.92 -10.71
CA ILE A 83 -18.92 1.85 -11.69
C ILE A 83 -20.25 1.38 -12.26
N GLY A 84 -21.37 1.85 -11.74
CA GLY A 84 -22.67 1.48 -12.26
C GLY A 84 -23.34 0.37 -11.48
N ALA A 85 -24.64 0.50 -11.23
CA ALA A 85 -25.38 -0.51 -10.51
C ALA A 85 -25.29 -1.85 -11.23
N GLY A 86 -25.25 -2.93 -10.44
CA GLY A 86 -25.05 -4.25 -11.01
C GLY A 86 -23.62 -4.62 -11.28
N ASN A 87 -22.69 -3.68 -11.19
CA ASN A 87 -21.27 -3.98 -11.33
C ASN A 87 -20.62 -4.05 -9.95
N LYS A 88 -19.64 -4.92 -9.82
CA LYS A 88 -18.88 -5.07 -8.59
C LYS A 88 -17.39 -4.91 -8.91
N LEU A 89 -16.61 -4.76 -7.84
CA LEU A 89 -15.16 -4.68 -7.93
C LEU A 89 -14.53 -6.06 -8.03
N ASP A 90 -13.45 -6.14 -8.81
CA ASP A 90 -12.62 -7.34 -8.86
C ASP A 90 -11.35 -7.21 -8.04
N GLY A 91 -10.95 -6.00 -7.68
CA GLY A 91 -9.70 -5.79 -6.98
C GLY A 91 -9.75 -4.57 -6.12
N VAL A 92 -8.95 -4.59 -5.05
CA VAL A 92 -8.80 -3.47 -4.12
C VAL A 92 -7.32 -3.36 -3.75
N VAL A 93 -6.76 -2.14 -3.85
CA VAL A 93 -5.37 -1.89 -3.48
C VAL A 93 -5.34 -0.92 -2.31
N HIS A 94 -4.75 -1.37 -1.21
CA HIS A 94 -4.49 -0.56 -0.03
C HIS A 94 -3.03 -0.13 -0.11
N SER A 95 -2.78 1.17 -0.32
CA SER A 95 -1.41 1.68 -0.39
C SER A 95 -1.33 2.93 0.49
N ILE A 96 -1.59 2.71 1.77
CA ILE A 96 -1.83 3.77 2.74
C ILE A 96 -0.94 3.51 3.95
N GLY A 97 -0.21 4.54 4.38
CA GLY A 97 0.61 4.42 5.57
C GLY A 97 0.91 5.80 6.13
N PHE A 98 1.03 5.85 7.45
CA PHE A 98 1.39 7.10 8.12
C PHE A 98 1.80 6.78 9.55
N MET A 99 2.84 7.45 10.03
CA MET A 99 3.21 7.40 11.44
C MET A 99 3.66 8.81 11.81
N PRO A 100 3.11 9.40 12.86
CA PRO A 100 3.58 10.73 13.29
C PRO A 100 5.08 10.75 13.52
N GLN A 101 5.66 11.94 13.40
CA GLN A 101 7.11 12.07 13.39
C GLN A 101 7.73 11.55 14.69
N THR A 102 7.01 11.64 15.81
CA THR A 102 7.55 11.16 17.08
C THR A 102 7.80 9.67 17.07
N GLY A 103 7.13 8.93 16.20
CA GLY A 103 7.28 7.50 16.08
C GLY A 103 8.31 7.05 15.07
N MET A 104 9.07 7.97 14.49
CA MET A 104 10.09 7.63 13.52
C MET A 104 11.32 8.51 13.74
N GLY A 105 12.41 8.19 13.05
CA GLY A 105 13.57 9.07 13.02
C GLY A 105 14.45 9.01 14.26
N ILE A 106 15.19 10.10 14.47
CA ILE A 106 16.11 10.19 15.61
C ILE A 106 15.37 10.36 16.92
N ASN A 107 14.09 10.74 16.87
CA ASN A 107 13.28 10.85 18.06
C ASN A 107 13.28 9.50 18.79
N PRO A 108 13.70 9.45 20.05
CA PRO A 108 13.90 8.14 20.70
C PRO A 108 12.64 7.30 20.70
N PHE A 109 12.82 5.99 20.46
CA PHE A 109 11.71 5.04 20.40
C PHE A 109 10.80 5.16 21.62
N PHE A 110 11.39 5.31 22.80
CA PHE A 110 10.64 5.39 24.05
C PHE A 110 9.86 6.68 24.21
N ASP A 111 10.15 7.70 23.40
CA ASP A 111 9.53 9.01 23.57
C ASP A 111 8.30 9.22 22.70
N ALA A 112 7.91 8.25 21.88
CA ALA A 112 6.68 8.36 21.11
C ALA A 112 5.47 8.19 22.03
N PRO A 113 4.60 9.19 22.15
CA PRO A 113 3.40 9.02 23.00
C PRO A 113 2.42 8.04 22.35
N TYR A 114 1.64 7.34 23.19
CA TYR A 114 0.78 6.32 22.60
C TYR A 114 -0.27 6.92 21.67
N ALA A 115 -0.75 8.13 21.95
CA ALA A 115 -1.70 8.78 21.03
C ALA A 115 -1.14 8.81 19.62
N ASP A 116 0.15 9.11 19.46
CA ASP A 116 0.76 9.15 18.14
C ASP A 116 0.88 7.76 17.54
N VAL A 117 1.34 6.79 18.33
CA VAL A 117 1.49 5.42 17.86
C VAL A 117 0.13 4.86 17.44
N SER A 118 -0.91 5.13 18.23
CA SER A 118 -2.23 4.60 17.94
C SER A 118 -2.79 5.18 16.63
N LYS A 119 -2.50 6.47 16.38
CA LYS A 119 -2.93 7.05 15.11
C LYS A 119 -2.24 6.36 13.94
N GLY A 120 -0.94 6.09 14.08
CA GLY A 120 -0.21 5.43 13.00
C GLY A 120 -0.68 4.00 12.79
N ILE A 121 -1.00 3.29 13.85
CA ILE A 121 -1.50 1.92 13.71
C ILE A 121 -2.91 1.93 13.13
N HIS A 122 -3.71 2.94 13.48
CA HIS A 122 -5.04 3.09 12.87
C HIS A 122 -4.93 3.21 11.36
N ILE A 123 -4.11 4.16 10.89
CA ILE A 123 -4.03 4.43 9.46
C ILE A 123 -3.31 3.31 8.72
N SER A 124 -2.26 2.75 9.33
CA SER A 124 -1.39 1.83 8.60
C SER A 124 -1.78 0.36 8.71
N ALA A 125 -2.55 -0.04 9.73
CA ALA A 125 -2.85 -1.46 9.93
C ALA A 125 -4.34 -1.73 10.06
N TYR A 126 -4.99 -1.07 11.02
CA TYR A 126 -6.43 -1.31 11.22
C TYR A 126 -7.21 -1.01 9.94
N SER A 127 -6.79 0.02 9.20
CA SER A 127 -7.56 0.43 8.03
C SER A 127 -7.55 -0.62 6.92
N TYR A 128 -6.61 -1.56 6.95
CA TYR A 128 -6.69 -2.66 5.99
C TYR A 128 -7.94 -3.51 6.24
N ALA A 129 -8.24 -3.77 7.53
CA ALA A 129 -9.51 -4.43 7.86
C ALA A 129 -10.70 -3.54 7.56
N SER A 130 -10.59 -2.22 7.82
CA SER A 130 -11.71 -1.30 7.58
C SER A 130 -12.11 -1.30 6.11
N MET A 131 -11.11 -1.26 5.22
CA MET A 131 -11.41 -1.20 3.80
C MET A 131 -12.00 -2.52 3.31
N ALA A 132 -11.45 -3.64 3.80
CA ALA A 132 -12.03 -4.94 3.46
C ALA A 132 -13.48 -5.04 3.93
N LYS A 133 -13.76 -4.58 5.16
CA LYS A 133 -15.14 -4.61 5.64
C LYS A 133 -16.06 -3.81 4.73
N ALA A 134 -15.60 -2.64 4.27
CA ALA A 134 -16.44 -1.77 3.47
C ALA A 134 -16.69 -2.33 2.08
N LEU A 135 -15.68 -3.01 1.50
CA LEU A 135 -15.69 -3.31 0.07
C LEU A 135 -15.98 -4.76 -0.27
N LEU A 136 -15.73 -5.71 0.63
CA LEU A 136 -16.06 -7.10 0.33
C LEU A 136 -17.51 -7.28 -0.10
N PRO A 137 -18.51 -6.60 0.49
CA PRO A 137 -19.89 -6.79 0.01
C PRO A 137 -20.12 -6.38 -1.45
N ILE A 138 -19.19 -5.64 -2.06
CA ILE A 138 -19.35 -5.29 -3.47
C ILE A 138 -18.18 -5.83 -4.28
N MET A 139 -17.62 -6.96 -3.87
CA MET A 139 -16.56 -7.63 -4.62
C MET A 139 -17.04 -8.95 -5.21
N ASN A 140 -16.56 -9.24 -6.42
CA ASN A 140 -16.88 -10.47 -7.14
C ASN A 140 -16.06 -11.64 -6.62
N PRO A 141 -16.62 -12.86 -6.69
CA PRO A 141 -15.79 -14.05 -6.46
C PRO A 141 -14.60 -14.06 -7.41
N GLY A 142 -13.48 -14.59 -6.94
CA GLY A 142 -12.25 -14.51 -7.69
C GLY A 142 -11.52 -13.19 -7.53
N GLY A 143 -12.03 -12.29 -6.70
CA GLY A 143 -11.41 -11.00 -6.49
C GLY A 143 -10.16 -11.06 -5.62
N SER A 144 -9.53 -9.88 -5.48
CA SER A 144 -8.21 -9.80 -4.88
C SER A 144 -8.04 -8.49 -4.13
N ILE A 145 -7.63 -8.57 -2.87
CA ILE A 145 -7.27 -7.41 -2.06
C ILE A 145 -5.75 -7.44 -1.83
N VAL A 146 -5.07 -6.33 -2.10
CA VAL A 146 -3.62 -6.27 -1.96
C VAL A 146 -3.26 -5.03 -1.14
N GLY A 147 -2.38 -5.21 -0.15
CA GLY A 147 -1.85 -4.10 0.63
C GLY A 147 -0.33 -4.00 0.54
N MET A 148 0.24 -2.84 0.86
CA MET A 148 1.67 -2.62 0.77
C MET A 148 2.34 -2.79 2.13
N ASP A 149 3.46 -3.51 2.16
CA ASP A 149 4.16 -3.92 3.37
C ASP A 149 5.65 -3.54 3.24
N PHE A 150 6.33 -3.44 4.38
CA PHE A 150 7.80 -3.33 4.43
C PHE A 150 8.25 -4.30 5.50
N ASP A 151 9.03 -5.31 5.10
CA ASP A 151 9.35 -6.47 5.95
C ASP A 151 9.75 -6.05 7.36
N PRO A 152 8.92 -6.35 8.37
CA PRO A 152 9.20 -5.91 9.75
C PRO A 152 9.70 -7.03 10.65
N SER A 153 10.15 -8.15 10.07
CA SER A 153 10.49 -9.33 10.88
C SER A 153 11.72 -9.08 11.74
N ARG A 154 12.54 -8.09 11.39
CA ARG A 154 13.69 -7.67 12.19
CA ARG A 154 13.69 -7.67 12.19
C ARG A 154 13.60 -6.17 12.45
N ALA A 155 14.10 -5.75 13.61
CA ALA A 155 14.13 -4.32 13.90
C ALA A 155 15.21 -3.63 13.06
N MET A 156 15.08 -2.34 12.95
CA MET A 156 16.09 -1.59 12.18
C MET A 156 16.11 -0.15 12.68
N PRO A 157 17.14 0.63 12.36
CA PRO A 157 17.13 2.01 12.75
C PRO A 157 16.02 2.81 12.05
N ALA A 158 15.53 3.81 12.75
CA ALA A 158 14.61 4.87 12.29
C ALA A 158 13.17 4.46 11.99
N TYR A 159 12.91 3.33 11.34
CA TYR A 159 11.53 2.93 11.01
C TYR A 159 10.70 2.89 12.31
N ASN A 160 11.31 2.49 13.40
CA ASN A 160 10.75 2.52 14.77
C ASN A 160 9.31 2.02 14.82
N TRP A 161 8.39 2.89 15.21
CA TRP A 161 6.97 2.49 15.39
C TRP A 161 6.28 2.11 14.08
N MET A 162 6.75 2.64 12.94
CA MET A 162 6.18 2.16 11.69
C MET A 162 6.45 0.67 11.49
N THR A 163 7.59 0.16 11.98
CA THR A 163 7.87 -1.28 11.92
C THR A 163 6.82 -2.05 12.70
N VAL A 164 6.47 -1.55 13.89
CA VAL A 164 5.45 -2.19 14.72
C VAL A 164 4.12 -2.18 14.00
N ALA A 165 3.79 -1.06 13.34
CA ALA A 165 2.55 -0.98 12.55
C ALA A 165 2.54 -2.00 11.42
N LYS A 166 3.69 -2.20 10.75
CA LYS A 166 3.72 -3.21 9.69
C LYS A 166 3.60 -4.63 10.25
N SER A 167 4.22 -4.90 11.40
CA SER A 167 3.97 -6.20 12.05
C SER A 167 2.49 -6.41 12.32
N ALA A 168 1.80 -5.37 12.78
CA ALA A 168 0.36 -5.50 13.03
C ALA A 168 -0.39 -5.73 11.71
N LEU A 169 0.01 -5.01 10.66
CA LEU A 169 -0.63 -5.17 9.34
C LEU A 169 -0.52 -6.59 8.81
N GLU A 170 0.66 -7.21 8.96
CA GLU A 170 0.82 -8.59 8.48
C GLU A 170 -0.14 -9.51 9.21
N SER A 171 -0.32 -9.29 10.51
CA SER A 171 -1.27 -10.10 11.27
C SER A 171 -2.71 -9.82 10.82
N VAL A 172 -3.07 -8.54 10.63
CA VAL A 172 -4.40 -8.18 10.15
C VAL A 172 -4.69 -8.86 8.82
N ASN A 173 -3.70 -8.90 7.92
CA ASN A 173 -3.89 -9.51 6.60
C ASN A 173 -4.29 -10.98 6.70
N ARG A 174 -3.70 -11.71 7.67
CA ARG A 174 -4.07 -13.12 7.81
C ARG A 174 -5.49 -13.29 8.29
N PHE A 175 -6.02 -12.34 9.06
CA PHE A 175 -7.41 -12.40 9.48
C PHE A 175 -8.35 -11.92 8.37
N VAL A 176 -7.92 -10.91 7.61
CA VAL A 176 -8.74 -10.46 6.47
C VAL A 176 -8.91 -11.59 5.47
N ALA A 177 -7.86 -12.40 5.27
CA ALA A 177 -7.97 -13.55 4.36
C ALA A 177 -9.08 -14.51 4.79
N ARG A 178 -9.21 -14.74 6.10
CA ARG A 178 -10.29 -15.59 6.61
C ARG A 178 -11.66 -15.05 6.21
N GLU A 179 -11.87 -13.74 6.40
CA GLU A 179 -13.15 -13.14 6.05
C GLU A 179 -13.35 -13.11 4.54
N ALA A 180 -12.32 -12.72 3.79
CA ALA A 180 -12.44 -12.56 2.34
C ALA A 180 -12.69 -13.89 1.65
N GLY A 181 -12.17 -14.97 2.23
CA GLY A 181 -12.36 -16.29 1.64
C GLY A 181 -13.82 -16.70 1.52
N LYS A 182 -14.68 -16.22 2.43
CA LYS A 182 -16.10 -16.51 2.34
C LYS A 182 -16.75 -15.87 1.12
N TYR A 183 -16.12 -14.84 0.54
CA TYR A 183 -16.56 -14.21 -0.69
C TYR A 183 -15.83 -14.73 -1.93
N GLY A 184 -14.94 -15.71 -1.78
CA GLY A 184 -14.13 -16.13 -2.90
C GLY A 184 -13.05 -15.14 -3.25
N VAL A 185 -12.61 -14.33 -2.28
CA VAL A 185 -11.65 -13.24 -2.51
C VAL A 185 -10.35 -13.55 -1.76
N ARG A 186 -9.22 -13.25 -2.40
CA ARG A 186 -7.90 -13.41 -1.80
C ARG A 186 -7.45 -12.10 -1.13
N SER A 187 -6.59 -12.23 -0.12
CA SER A 187 -5.99 -11.06 0.53
C SER A 187 -4.50 -11.29 0.71
N ASN A 188 -3.66 -10.36 0.23
CA ASN A 188 -2.22 -10.57 0.33
C ASN A 188 -1.55 -9.21 0.46
N LEU A 189 -0.30 -9.23 0.95
CA LEU A 189 0.54 -8.04 0.99
C LEU A 189 1.71 -8.20 0.03
N VAL A 190 2.17 -7.07 -0.52
CA VAL A 190 3.44 -7.00 -1.24
C VAL A 190 4.44 -6.26 -0.34
N ALA A 191 5.51 -6.94 0.05
CA ALA A 191 6.59 -6.35 0.82
C ALA A 191 7.61 -5.82 -0.17
N ALA A 192 7.64 -4.50 -0.33
CA ALA A 192 8.53 -3.85 -1.28
C ALA A 192 9.84 -3.47 -0.62
N GLY A 193 10.91 -3.42 -1.44
CA GLY A 193 12.11 -2.75 -1.02
C GLY A 193 11.90 -1.24 -1.00
N PRO A 194 12.94 -0.51 -0.55
CA PRO A 194 12.80 0.95 -0.39
C PRO A 194 12.60 1.65 -1.73
N ILE A 195 11.71 2.63 -1.74
CA ILE A 195 11.35 3.36 -2.96
C ILE A 195 11.45 4.86 -2.65
N ARG A 196 12.08 5.61 -3.54
CA ARG A 196 12.33 7.04 -3.34
C ARG A 196 11.08 7.85 -3.69
N THR A 197 10.09 7.74 -2.80
CA THR A 197 8.97 8.67 -2.82
C THR A 197 9.43 10.04 -2.36
N LEU A 198 8.55 11.03 -2.48
CA LEU A 198 8.87 12.36 -1.99
C LEU A 198 9.15 12.35 -0.49
N ALA A 199 8.30 11.66 0.28
CA ALA A 199 8.51 11.59 1.73
C ALA A 199 9.83 10.91 2.07
N MET A 200 10.17 9.85 1.36
CA MET A 200 11.40 9.12 1.67
C MET A 200 12.63 9.92 1.27
N SER A 201 12.58 10.65 0.15
CA SER A 201 13.70 11.52 -0.20
C SER A 201 13.89 12.61 0.85
N ALA A 202 12.79 13.15 1.36
CA ALA A 202 12.89 14.18 2.39
C ALA A 202 13.55 13.64 3.66
N ILE A 203 13.24 12.39 4.03
CA ILE A 203 13.82 11.82 5.24
C ILE A 203 15.30 11.54 5.05
N VAL A 204 15.69 10.99 3.90
CA VAL A 204 17.11 10.81 3.60
C VAL A 204 17.85 12.15 3.62
N GLY A 205 17.19 13.22 3.18
CA GLY A 205 17.75 14.56 3.27
C GLY A 205 17.72 15.16 4.66
N GLY A 206 17.28 14.42 5.67
CA GLY A 206 17.35 14.88 7.04
C GLY A 206 16.09 15.49 7.63
N ALA A 207 14.92 15.25 7.05
CA ALA A 207 13.69 15.83 7.58
C ALA A 207 13.38 15.32 8.99
N LEU A 208 13.82 14.11 9.31
CA LEU A 208 13.57 13.49 10.60
C LEU A 208 14.83 13.39 11.46
N GLY A 209 15.78 14.29 11.24
CA GLY A 209 17.05 14.24 11.95
C GLY A 209 18.16 13.70 11.08
N GLU A 210 19.39 14.12 11.38
CA GLU A 210 20.51 13.80 10.49
C GLU A 210 20.88 12.32 10.54
N GLU A 211 21.04 11.75 11.72
CA GLU A 211 21.52 10.38 11.71
C GLU A 211 20.43 9.38 11.35
N ALA A 212 19.16 9.75 11.51
CA ALA A 212 18.09 8.96 10.90
C ALA A 212 18.24 8.93 9.39
N GLY A 213 18.47 10.10 8.77
CA GLY A 213 18.73 10.13 7.35
C GLY A 213 19.95 9.30 6.97
N ALA A 214 21.02 9.39 7.77
CA ALA A 214 22.22 8.61 7.52
C ALA A 214 21.94 7.12 7.60
N GLN A 215 21.12 6.71 8.58
CA GLN A 215 20.83 5.29 8.75
C GLN A 215 19.98 4.76 7.59
N ILE A 216 19.00 5.53 7.14
CA ILE A 216 18.17 5.09 6.03
C ILE A 216 18.99 4.99 4.75
N GLN A 217 19.92 5.92 4.53
CA GLN A 217 20.77 5.83 3.35
C GLN A 217 21.62 4.57 3.39
N LEU A 218 22.14 4.22 4.57
CA LEU A 218 22.90 2.97 4.69
C LEU A 218 22.02 1.75 4.44
N LEU A 219 20.77 1.79 4.92
CA LEU A 219 19.86 0.67 4.64
C LEU A 219 19.61 0.51 3.15
N GLU A 220 19.40 1.63 2.44
CA GLU A 220 19.18 1.57 1.00
C GLU A 220 20.37 0.97 0.27
N GLU A 221 21.59 1.36 0.65
CA GLU A 221 22.76 0.86 -0.03
C GLU A 221 22.93 -0.65 0.19
N GLY A 222 22.70 -1.11 1.41
CA GLY A 222 22.83 -2.54 1.68
C GLY A 222 21.79 -3.37 0.94
N TRP A 223 20.64 -2.78 0.64
CA TRP A 223 19.58 -3.49 -0.07
C TRP A 223 20.02 -3.88 -1.48
N ASP A 224 20.54 -2.91 -2.25
CA ASP A 224 21.00 -3.24 -3.59
C ASP A 224 22.18 -4.20 -3.55
N GLN A 225 23.02 -4.10 -2.52
CA GLN A 225 24.16 -5.02 -2.40
C GLN A 225 23.69 -6.45 -2.14
N ARG A 226 22.67 -6.62 -1.28
CA ARG A 226 22.18 -7.94 -0.90
C ARG A 226 21.37 -8.59 -2.02
N ALA A 227 20.59 -7.79 -2.75
CA ALA A 227 19.63 -8.33 -3.71
C ALA A 227 20.36 -9.06 -4.84
N PRO A 228 20.10 -10.36 -5.05
CA PRO A 228 20.83 -11.07 -6.12
C PRO A 228 20.56 -10.50 -7.52
N ILE A 229 19.43 -9.85 -7.74
CA ILE A 229 19.17 -9.21 -9.02
C ILE A 229 19.26 -7.69 -8.92
N GLY A 230 19.81 -7.17 -7.83
CA GLY A 230 19.88 -5.73 -7.63
C GLY A 230 18.54 -5.14 -7.22
N TRP A 231 18.60 -3.87 -6.82
CA TRP A 231 17.41 -3.13 -6.37
C TRP A 231 17.57 -1.67 -6.76
N ASN A 232 16.62 -1.15 -7.53
CA ASN A 232 16.63 0.24 -7.98
C ASN A 232 15.54 1.00 -7.23
N MET A 233 15.95 1.71 -6.17
CA MET A 233 14.98 2.46 -5.38
C MET A 233 14.32 3.60 -6.17
N LYS A 234 14.83 3.95 -7.35
CA LYS A 234 14.21 5.00 -8.14
C LYS A 234 13.15 4.47 -9.11
N ASP A 235 12.87 3.18 -9.10
CA ASP A 235 11.97 2.57 -10.09
C ASP A 235 10.93 1.73 -9.36
N ALA A 236 9.70 2.23 -9.28
CA ALA A 236 8.63 1.51 -8.61
C ALA A 236 7.91 0.52 -9.53
N THR A 237 8.21 0.53 -10.84
CA THR A 237 7.52 -0.37 -11.76
C THR A 237 7.59 -1.84 -11.37
N PRO A 238 8.73 -2.40 -10.90
CA PRO A 238 8.71 -3.81 -10.48
C PRO A 238 7.74 -4.08 -9.33
N VAL A 239 7.58 -3.13 -8.42
CA VAL A 239 6.61 -3.28 -7.34
C VAL A 239 5.19 -3.24 -7.90
N ALA A 240 4.93 -2.29 -8.80
CA ALA A 240 3.61 -2.16 -9.40
C ALA A 240 3.24 -3.42 -10.16
N LYS A 241 4.18 -4.01 -10.90
CA LYS A 241 3.88 -5.23 -11.64
C LYS A 241 3.52 -6.38 -10.71
N THR A 242 4.22 -6.48 -9.58
CA THR A 242 3.93 -7.53 -8.60
C THR A 242 2.53 -7.37 -8.02
N VAL A 243 2.13 -6.13 -7.72
CA VAL A 243 0.75 -5.91 -7.27
C VAL A 243 -0.24 -6.37 -8.34
N CYS A 244 0.03 -6.05 -9.60
CA CYS A 244 -0.85 -6.47 -10.68
C CYS A 244 -0.88 -7.99 -10.83
N ALA A 245 0.24 -8.65 -10.58
CA ALA A 245 0.25 -10.12 -10.57
C ALA A 245 -0.75 -10.66 -9.55
N LEU A 246 -0.75 -10.08 -8.33
CA LEU A 246 -1.68 -10.55 -7.30
C LEU A 246 -3.13 -10.18 -7.62
N LEU A 247 -3.35 -9.05 -8.30
CA LEU A 247 -4.70 -8.69 -8.73
C LEU A 247 -5.21 -9.57 -9.87
N SER A 248 -4.32 -10.24 -10.60
CA SER A 248 -4.68 -11.06 -11.74
C SER A 248 -5.20 -12.42 -11.28
N ASP A 249 -5.53 -13.28 -12.25
CA ASP A 249 -5.95 -14.63 -11.96
C ASP A 249 -4.79 -15.62 -11.88
N TRP A 250 -3.54 -15.14 -11.87
CA TRP A 250 -2.39 -16.03 -12.04
C TRP A 250 -1.75 -16.45 -10.72
N LEU A 251 -2.23 -15.95 -9.57
CA LEU A 251 -1.83 -16.47 -8.25
C LEU A 251 -3.09 -16.88 -7.50
N PRO A 252 -3.84 -17.85 -8.03
CA PRO A 252 -5.21 -18.09 -7.52
C PRO A 252 -5.27 -18.88 -6.22
N ALA A 253 -4.15 -19.44 -5.75
CA ALA A 253 -4.15 -20.26 -4.54
C ALA A 253 -3.30 -19.65 -3.44
N THR A 254 -3.04 -18.35 -3.52
CA THR A 254 -2.25 -17.61 -2.53
C THR A 254 -3.16 -16.64 -1.79
N THR A 255 -3.22 -16.78 -0.46
CA THR A 255 -3.99 -15.82 0.33
C THR A 255 -3.47 -15.82 1.76
N GLY A 256 -3.74 -14.71 2.45
CA GLY A 256 -3.19 -14.48 3.77
C GLY A 256 -1.68 -14.33 3.78
N ASP A 257 -1.09 -14.02 2.65
CA ASP A 257 0.34 -14.23 2.44
C ASP A 257 1.03 -12.90 2.12
N ILE A 258 2.35 -13.01 1.98
CA ILE A 258 3.22 -11.87 1.68
C ILE A 258 4.10 -12.26 0.50
N ILE A 259 4.07 -11.46 -0.56
CA ILE A 259 4.96 -11.62 -1.72
C ILE A 259 6.03 -10.55 -1.61
N TYR A 260 7.30 -10.95 -1.73
CA TYR A 260 8.42 -10.02 -1.54
C TYR A 260 8.88 -9.50 -2.90
N ALA A 261 8.65 -8.21 -3.15
CA ALA A 261 9.15 -7.52 -4.34
C ALA A 261 10.29 -6.61 -3.91
N ASP A 262 11.43 -7.24 -3.59
CA ASP A 262 12.52 -6.55 -2.92
C ASP A 262 13.88 -6.91 -3.53
N GLY A 263 13.90 -7.47 -4.74
CA GLY A 263 15.13 -7.90 -5.38
C GLY A 263 15.72 -9.17 -4.81
N GLY A 264 14.98 -9.87 -3.93
CA GLY A 264 15.53 -10.98 -3.19
C GLY A 264 16.36 -10.61 -1.97
N ALA A 265 16.39 -9.33 -1.59
CA ALA A 265 17.29 -8.91 -0.51
C ALA A 265 17.00 -9.64 0.80
N HIS A 266 15.72 -9.93 1.09
CA HIS A 266 15.42 -10.54 2.39
C HIS A 266 15.87 -12.01 2.47
N THR A 267 16.29 -12.60 1.36
CA THR A 267 16.74 -13.99 1.34
C THR A 267 18.25 -14.12 1.54
N GLN A 268 18.96 -13.01 1.72
CA GLN A 268 20.41 -12.99 1.75
C GLN A 268 20.89 -12.26 3.00
N LEU A 269 21.92 -12.81 3.64
CA LEU A 269 22.42 -12.14 4.84
C LEU A 269 23.40 -11.04 4.48
N LEU A 270 24.30 -11.31 3.55
CA LEU A 270 25.15 -10.28 2.96
C LEU A 270 25.67 -10.78 1.62
PA NAD B . 3.02 8.01 -0.14
O1A NAD B . 3.27 9.11 0.83
O2A NAD B . 3.14 8.37 -1.64
O5B NAD B . 1.52 7.26 0.13
C5B NAD B . 0.98 7.29 1.41
C4B NAD B . -0.35 7.39 1.23
O4B NAD B . -1.11 7.19 2.54
C3B NAD B . -0.75 8.89 0.79
O3B NAD B . -1.58 8.81 -0.45
C2B NAD B . -1.41 9.34 1.77
O2B NAD B . -2.47 10.32 1.39
C1B NAD B . -2.14 7.96 2.43
N9A NAD B . -2.79 8.29 3.67
C8A NAD B . -2.25 8.82 4.78
N7A NAD B . -3.18 9.00 5.73
C5A NAD B . -4.38 8.58 5.21
C6A NAD B . -5.71 8.52 5.69
N6A NAD B . -6.05 8.99 7.05
N1A NAD B . -6.67 8.05 4.89
C2A NAD B . -6.39 7.63 3.67
N3A NAD B . -5.14 7.67 3.17
C4A NAD B . -4.13 8.14 3.93
O3 NAD B . 4.18 6.90 0.18
PN NAD B . 4.26 5.39 -0.41
O1N NAD B . 3.77 5.22 -1.84
O2N NAD B . 5.69 4.97 -0.24
O5D NAD B . 3.30 4.52 0.62
C5D NAD B . 2.26 3.63 0.21
C4D NAD B . 2.38 2.36 1.11
O4D NAD B . 3.70 1.55 0.62
C3D NAD B . 2.54 2.59 2.40
O3D NAD B . 1.85 1.50 3.12
C2D NAD B . 4.04 2.39 2.67
O2D NAD B . 4.30 2.00 4.00
C1D NAD B . 4.33 1.22 1.70
N1N NAD B . 5.76 0.97 1.41
C2N NAD B . 6.60 1.99 1.06
C3N NAD B . 7.93 1.72 0.79
C7N NAD B . 8.87 2.85 0.39
O7N NAD B . 10.02 2.73 0.50
N7N NAD B . 8.32 4.04 -0.11
C4N NAD B . 8.43 0.43 0.85
C5N NAD B . 7.52 -0.61 1.21
C6N NAD B . 6.21 -0.27 1.48
C10 LSQ C . 13.04 2.55 5.75
C02 LSQ C . 7.47 3.36 4.06
C04 LSQ C . 9.00 3.47 4.06
C05 LSQ C . 9.68 2.11 4.03
C06 LSQ C . 11.18 2.25 4.25
C07 LSQ C . 12.05 2.24 3.18
C08 LSQ C . 13.41 2.38 3.39
C09 LSQ C . 13.91 2.54 4.67
C11 LSQ C . 11.68 2.41 5.54
O01 LSQ C . 6.91 2.34 4.54
O03 LSQ C . 6.80 4.32 3.59
CL LSQ C . 13.69 2.75 7.41
N1 EPE D . -11.69 18.43 1.39
C2 EPE D . -13.06 17.97 1.17
C3 EPE D . -13.78 17.79 2.51
N4 EPE D . -12.99 17.09 3.50
C5 EPE D . -11.57 17.38 3.57
C6 EPE D . -10.95 17.44 2.18
C7 EPE D . -13.64 16.55 4.68
C8 EPE D . -12.86 15.41 5.33
O8 EPE D . -11.94 15.89 6.28
C9 EPE D . -10.99 18.64 0.11
C10 EPE D . -10.45 20.06 0.03
S EPE D . -9.44 20.38 -1.43
O1S EPE D . -9.99 21.52 -2.15
O2S EPE D . -9.43 19.21 -2.31
O3S EPE D . -8.07 20.69 -1.03
#